data_2Y7I
#
_entry.id   2Y7I
#
_cell.length_a   48.317
_cell.length_b   56.331
_cell.length_c   88.370
_cell.angle_alpha   90.00
_cell.angle_beta   100.17
_cell.angle_gamma   90.00
#
_symmetry.space_group_name_H-M   'P 1 21 1'
#
loop_
_entity.id
_entity.type
_entity.pdbx_description
1 polymer STM4351
2 non-polymer ARGININE
3 non-polymer 'ZINC ION'
4 non-polymer 'ACETATE ION'
5 non-polymer GLYCEROL
6 water water
#
_entity_poly.entity_id   1
_entity_poly.type   'polypeptide(L)'
_entity_poly.pdbx_seq_one_letter_code
;ASVSARTLHFGTSATYAPYEFVDADNKIVGFDIDVANAVCKEMQAECSFTNQSFDSLIPSLRFKKFDAVIAGMDMTPKRE
QQVSFSQPYYEGLSAVVVTRKGAYHTFADLKGKKVGLENGTTHQRYLQDKQQAITPVAYDSYLNAFTDLKNNRLEGVFGD
VAAIGKWLKNNPDYAIMDERASDPDYYGKGLGIAVRKDNDALLQEINAALDKVKASPEYAQMQEKWFTQ
;
_entity_poly.pdbx_strand_id   A,B
#
# COMPACT_ATOMS: atom_id res chain seq x y z
N ALA A 1 -16.41 21.95 -23.16
CA ALA A 1 -16.40 21.49 -24.58
C ALA A 1 -15.33 20.42 -24.83
N SER A 2 -14.97 19.67 -23.79
CA SER A 2 -14.11 18.51 -23.95
C SER A 2 -14.94 17.33 -24.46
N VAL A 3 -14.31 16.50 -25.27
CA VAL A 3 -15.02 15.47 -26.03
C VAL A 3 -14.48 14.07 -25.69
N SER A 4 -13.81 14.01 -24.54
CA SER A 4 -13.23 12.78 -24.01
C SER A 4 -12.76 13.05 -22.59
N ALA A 5 -12.57 11.98 -21.81
CA ALA A 5 -11.97 12.12 -20.49
C ALA A 5 -10.52 12.55 -20.68
N ARG A 6 -9.99 13.30 -19.71
CA ARG A 6 -8.57 13.63 -19.72
C ARG A 6 -7.76 12.34 -19.81
N THR A 7 -6.66 12.38 -20.56
CA THR A 7 -5.84 11.20 -20.79
C THR A 7 -4.41 11.48 -20.36
N LEU A 8 -3.94 10.69 -19.39
CA LEU A 8 -2.60 10.80 -18.87
C LEU A 8 -1.68 9.88 -19.67
N HIS A 9 -0.67 10.46 -20.30
CA HIS A 9 0.23 9.72 -21.19
C HIS A 9 1.47 9.28 -20.40
N PHE A 10 1.64 7.98 -20.24
CA PHE A 10 2.78 7.39 -19.54
C PHE A 10 3.78 6.84 -20.53
N GLY A 11 5.06 7.04 -20.23
CA GLY A 11 6.13 6.37 -20.96
C GLY A 11 6.63 5.24 -20.09
N THR A 12 6.95 4.12 -20.71
CA THR A 12 7.52 2.96 -20.02
C THR A 12 8.42 2.15 -20.98
N SER A 13 9.12 1.17 -20.42
CA SER A 13 9.91 0.23 -21.20
C SER A 13 9.47 -1.17 -20.84
N ALA A 14 8.64 -1.75 -21.71
CA ALA A 14 7.96 -3.02 -21.45
C ALA A 14 8.85 -4.24 -21.76
N THR A 15 10.02 -4.26 -21.14
CA THR A 15 11.06 -5.27 -21.33
C THR A 15 11.31 -6.04 -20.04
N TYR A 16 10.44 -5.81 -19.05
CA TYR A 16 10.80 -6.05 -17.64
C TYR A 16 9.67 -6.67 -16.81
N ALA A 17 9.20 -7.85 -17.20
CA ALA A 17 8.22 -8.59 -16.39
C ALA A 17 8.80 -8.82 -15.02
N PRO A 18 7.97 -8.71 -13.95
CA PRO A 18 6.53 -8.48 -13.91
C PRO A 18 6.10 -7.00 -13.79
N TYR A 19 7.05 -6.08 -13.86
CA TYR A 19 6.76 -4.65 -13.76
C TYR A 19 5.96 -4.17 -14.99
N GLU A 20 6.50 -4.41 -16.18
CA GLU A 20 5.84 -4.09 -17.44
C GLU A 20 6.44 -4.95 -18.54
N PHE A 21 5.56 -5.51 -19.35
CA PHE A 21 5.94 -6.39 -20.44
C PHE A 21 4.78 -6.50 -21.42
N VAL A 22 5.01 -7.22 -22.52
CA VAL A 22 4.04 -7.31 -23.60
C VAL A 22 3.50 -8.73 -23.59
N ASP A 23 2.18 -8.86 -23.59
CA ASP A 23 1.56 -10.19 -23.61
C ASP A 23 1.36 -10.67 -25.05
N ALA A 24 0.66 -11.79 -25.19
CA ALA A 24 0.50 -12.47 -26.48
C ALA A 24 -0.19 -11.65 -27.58
N ASP A 25 -1.12 -10.77 -27.21
CA ASP A 25 -1.78 -9.94 -28.22
C ASP A 25 -1.22 -8.50 -28.23
N ASN A 26 0.05 -8.36 -27.87
CA ASN A 26 0.78 -7.10 -28.01
C ASN A 26 0.22 -5.99 -27.12
N LYS A 27 -0.29 -6.35 -25.94
CA LYS A 27 -0.73 -5.37 -24.97
C LYS A 27 0.26 -5.26 -23.82
N ILE A 28 0.40 -4.04 -23.28
CA ILE A 28 1.32 -3.77 -22.19
C ILE A 28 0.62 -4.10 -20.87
N VAL A 29 1.28 -4.92 -20.05
CA VAL A 29 0.69 -5.45 -18.81
C VAL A 29 1.76 -5.51 -17.73
N GLY A 30 1.34 -5.68 -16.48
CA GLY A 30 2.29 -5.81 -15.40
C GLY A 30 1.89 -5.07 -14.14
N PHE A 31 2.73 -5.18 -13.11
CA PHE A 31 2.50 -4.50 -11.86
C PHE A 31 2.36 -3.00 -12.05
N ASP A 32 3.32 -2.40 -12.76
CA ASP A 32 3.32 -0.94 -12.97
C ASP A 32 2.10 -0.47 -13.74
N ILE A 33 1.64 -1.28 -14.67
CA ILE A 33 0.47 -0.95 -15.49
C ILE A 33 -0.79 -0.94 -14.62
N ASP A 34 -0.90 -1.93 -13.73
CA ASP A 34 -2.03 -2.00 -12.80
C ASP A 34 -2.04 -0.80 -11.84
N VAL A 35 -0.87 -0.47 -11.32
CA VAL A 35 -0.69 0.72 -10.49
C VAL A 35 -1.09 1.99 -11.26
N ALA A 36 -0.54 2.19 -12.46
CA ALA A 36 -0.84 3.41 -13.24
C ALA A 36 -2.34 3.53 -13.57
N ASN A 37 -2.96 2.41 -13.95
CA ASN A 37 -4.40 2.40 -14.23
C ASN A 37 -5.22 2.78 -13.01
N ALA A 38 -4.83 2.25 -11.85
CA ALA A 38 -5.53 2.56 -10.59
C ALA A 38 -5.39 4.04 -10.25
N VAL A 39 -4.19 4.58 -10.43
CA VAL A 39 -3.93 6.02 -10.25
C VAL A 39 -4.81 6.86 -11.19
N CYS A 40 -4.82 6.50 -12.48
CA CYS A 40 -5.69 7.17 -13.46
C CYS A 40 -7.18 7.13 -13.09
N LYS A 41 -7.65 5.97 -12.62
CA LYS A 41 -9.04 5.85 -12.19
C LYS A 41 -9.36 6.83 -11.04
N GLU A 42 -8.47 6.92 -10.06
CA GLU A 42 -8.65 7.88 -8.94
C GLU A 42 -8.61 9.32 -9.41
N MET A 43 -7.91 9.57 -10.53
CA MET A 43 -7.80 10.91 -11.10
C MET A 43 -8.90 11.19 -12.12
N GLN A 44 -9.81 10.23 -12.29
CA GLN A 44 -10.89 10.30 -13.29
C GLN A 44 -10.33 10.57 -14.69
N ALA A 45 -9.22 9.88 -15.00
CA ALA A 45 -8.50 10.01 -16.25
C ALA A 45 -8.37 8.66 -16.93
N GLU A 46 -8.23 8.70 -18.25
CA GLU A 46 -7.86 7.55 -19.04
C GLU A 46 -6.33 7.46 -19.05
N CYS A 47 -5.82 6.28 -19.37
CA CYS A 47 -4.38 6.02 -19.36
C CYS A 47 -3.88 5.65 -20.76
N SER A 48 -2.75 6.22 -21.16
CA SER A 48 -2.11 5.84 -22.41
C SER A 48 -0.64 5.53 -22.16
N PHE A 49 -0.15 4.45 -22.76
CA PHE A 49 1.26 4.05 -22.60
C PHE A 49 2.06 4.11 -23.89
N THR A 50 3.29 4.59 -23.79
CA THR A 50 4.24 4.56 -24.89
C THR A 50 5.43 3.70 -24.43
N ASN A 51 5.77 2.70 -25.23
CA ASN A 51 6.83 1.75 -24.93
C ASN A 51 8.09 2.08 -25.73
N GLN A 52 9.17 2.41 -25.03
CA GLN A 52 10.45 2.78 -25.68
C GLN A 52 11.60 2.40 -24.73
N SER A 53 12.84 2.52 -25.18
CA SER A 53 13.98 2.07 -24.36
C SER A 53 14.04 2.77 -23.00
N PHE A 54 14.44 2.04 -21.97
CA PHE A 54 14.46 2.57 -20.60
C PHE A 54 15.28 3.85 -20.48
N ASP A 55 16.43 3.85 -21.14
CA ASP A 55 17.37 4.98 -21.06
C ASP A 55 16.87 6.25 -21.76
N SER A 56 15.80 6.13 -22.55
CA SER A 56 15.24 7.27 -23.29
C SER A 56 14.06 7.91 -22.55
N LEU A 57 13.66 7.32 -21.43
CA LEU A 57 12.41 7.73 -20.76
C LEU A 57 12.51 9.08 -20.08
N ILE A 58 13.55 9.27 -19.28
CA ILE A 58 13.75 10.57 -18.64
C ILE A 58 13.94 11.71 -19.65
N PRO A 59 14.84 11.54 -20.65
CA PRO A 59 14.97 12.56 -21.71
C PRO A 59 13.68 12.91 -22.44
N SER A 60 12.87 11.90 -22.79
CA SER A 60 11.60 12.13 -23.47
C SER A 60 10.60 12.84 -22.56
N LEU A 61 10.59 12.46 -21.27
CA LEU A 61 9.76 13.14 -20.27
C LEU A 61 10.09 14.64 -20.21
N ARG A 62 11.39 14.94 -20.14
CA ARG A 62 11.86 16.33 -20.11
C ARG A 62 11.50 17.08 -21.40
N PHE A 63 11.50 16.36 -22.52
CA PHE A 63 11.12 16.89 -23.83
C PHE A 63 9.59 16.96 -24.02
N LYS A 64 8.83 16.63 -22.97
CA LYS A 64 7.35 16.71 -22.97
C LYS A 64 6.63 15.71 -23.86
N LYS A 65 7.29 14.59 -24.20
CA LYS A 65 6.69 13.56 -25.03
C LYS A 65 5.55 12.83 -24.30
N PHE A 66 5.63 12.78 -22.98
CA PHE A 66 4.54 12.27 -22.15
C PHE A 66 4.47 13.00 -20.82
N ASP A 67 3.40 12.72 -20.06
CA ASP A 67 3.15 13.41 -18.80
C ASP A 67 3.91 12.80 -17.63
N ALA A 68 4.13 11.50 -17.70
CA ALA A 68 4.69 10.76 -16.57
C ALA A 68 5.40 9.50 -17.05
N VAL A 69 6.27 8.98 -16.19
CA VAL A 69 7.01 7.76 -16.48
C VAL A 69 6.78 6.81 -15.32
N ILE A 70 6.43 5.57 -15.66
CA ILE A 70 6.43 4.47 -14.68
C ILE A 70 7.13 3.29 -15.34
N ALA A 71 8.18 2.78 -14.69
CA ALA A 71 9.01 1.74 -15.33
C ALA A 71 9.95 1.00 -14.38
N GLY A 72 9.43 0.58 -13.23
CA GLY A 72 10.24 -0.05 -12.20
C GLY A 72 11.45 0.81 -11.85
N MET A 73 11.23 2.13 -11.81
CA MET A 73 12.33 3.09 -11.76
C MET A 73 12.64 3.56 -10.34
N ASP A 74 13.81 3.17 -9.84
CA ASP A 74 14.30 3.60 -8.52
C ASP A 74 14.48 5.10 -8.51
N MET A 75 14.07 5.73 -7.40
CA MET A 75 14.19 7.18 -7.23
C MET A 75 15.59 7.55 -6.77
N THR A 76 16.55 7.48 -7.69
CA THR A 76 17.95 7.73 -7.36
C THR A 76 18.21 9.23 -7.25
N PRO A 77 19.27 9.63 -6.50
CA PRO A 77 19.62 11.05 -6.44
C PRO A 77 19.93 11.65 -7.81
N LYS A 78 20.59 10.87 -8.68
CA LYS A 78 20.86 11.34 -10.05
C LYS A 78 19.59 11.65 -10.82
N ARG A 79 18.59 10.79 -10.69
CA ARG A 79 17.34 11.00 -11.40
C ARG A 79 16.56 12.16 -10.79
N GLU A 80 16.68 12.32 -9.47
CA GLU A 80 16.01 13.42 -8.77
C GLU A 80 16.51 14.81 -9.18
N GLN A 81 17.71 14.87 -9.77
CA GLN A 81 18.22 16.12 -10.35
C GLN A 81 17.55 16.44 -11.68
N GLN A 82 16.96 15.42 -12.31
N GLN A 82 16.97 15.41 -12.32
CA GLN A 82 16.43 15.53 -13.66
CA GLN A 82 16.44 15.53 -13.66
C GLN A 82 14.91 15.62 -13.70
C GLN A 82 14.91 15.60 -13.71
N VAL A 83 14.26 14.93 -12.77
CA VAL A 83 12.79 14.81 -12.75
C VAL A 83 12.24 14.94 -11.32
N SER A 84 10.92 15.09 -11.21
CA SER A 84 10.24 15.02 -9.92
C SER A 84 9.62 13.65 -9.75
N PHE A 85 9.84 13.01 -8.61
CA PHE A 85 9.18 11.74 -8.31
C PHE A 85 8.02 11.88 -7.35
N SER A 86 7.03 11.00 -7.52
CA SER A 86 6.01 10.75 -6.52
C SER A 86 6.64 10.12 -5.28
N GLN A 87 5.81 9.98 -4.25
CA GLN A 87 6.09 9.11 -3.11
C GLN A 87 6.45 7.72 -3.67
N PRO A 88 7.19 6.92 -2.90
CA PRO A 88 7.43 5.57 -3.36
C PRO A 88 6.11 4.82 -3.50
N TYR A 89 5.97 4.02 -4.57
CA TYR A 89 4.79 3.16 -4.67
C TYR A 89 5.12 1.71 -4.37
N TYR A 90 6.40 1.36 -4.41
CA TYR A 90 6.87 0.01 -4.11
C TYR A 90 8.35 0.10 -3.74
N GLU A 91 8.86 -0.88 -3.00
CA GLU A 91 10.23 -0.79 -2.49
C GLU A 91 11.26 -1.09 -3.55
N GLY A 92 12.40 -0.41 -3.49
CA GLY A 92 13.55 -0.76 -4.27
C GLY A 92 14.22 -1.95 -3.60
N LEU A 93 14.50 -3.00 -4.37
CA LEU A 93 15.06 -4.20 -3.76
C LEU A 93 16.48 -4.51 -4.27
N SER A 94 17.01 -5.65 -3.81
N SER A 94 17.00 -5.65 -3.81
CA SER A 94 18.38 -6.05 -4.16
CA SER A 94 18.35 -6.09 -4.17
C SER A 94 18.51 -6.53 -5.60
C SER A 94 18.46 -6.35 -5.67
N ALA A 95 19.69 -6.33 -6.16
CA ALA A 95 19.96 -6.71 -7.53
C ALA A 95 20.70 -8.06 -7.52
N VAL A 96 20.45 -8.86 -8.55
CA VAL A 96 21.04 -10.18 -8.64
C VAL A 96 21.62 -10.43 -10.02
N VAL A 97 22.57 -11.36 -10.09
CA VAL A 97 23.07 -11.86 -11.36
C VAL A 97 22.42 -13.21 -11.59
N VAL A 98 22.01 -13.46 -12.84
CA VAL A 98 21.62 -14.80 -13.24
C VAL A 98 22.73 -15.37 -14.13
N THR A 99 23.15 -16.60 -13.85
CA THR A 99 24.19 -17.29 -14.63
C THR A 99 23.71 -18.70 -14.90
N ARG A 100 24.46 -19.47 -15.67
CA ARG A 100 24.22 -20.91 -15.73
C ARG A 100 24.31 -21.46 -14.30
N LYS A 101 23.41 -22.37 -13.93
CA LYS A 101 23.26 -22.84 -12.55
C LYS A 101 24.56 -23.44 -12.03
N GLY A 102 25.06 -22.95 -10.91
CA GLY A 102 26.30 -23.49 -10.33
C GLY A 102 27.60 -22.97 -10.91
N ALA A 103 27.53 -22.15 -11.96
CA ALA A 103 28.74 -21.73 -12.66
C ALA A 103 29.53 -20.61 -11.96
N TYR A 104 28.81 -19.77 -11.20
CA TYR A 104 29.38 -18.63 -10.48
C TYR A 104 28.65 -18.51 -9.14
N HIS A 105 29.39 -18.10 -8.11
CA HIS A 105 28.82 -17.85 -6.78
C HIS A 105 28.91 -16.37 -6.41
N THR A 106 30.01 -15.73 -6.81
CA THR A 106 30.31 -14.38 -6.36
C THR A 106 30.73 -13.47 -7.50
N PHE A 107 30.67 -12.17 -7.25
CA PHE A 107 31.22 -11.19 -8.19
C PHE A 107 32.70 -11.43 -8.52
N ALA A 108 33.48 -11.82 -7.50
CA ALA A 108 34.88 -12.19 -7.72
C ALA A 108 35.01 -13.31 -8.76
N ASP A 109 34.10 -14.28 -8.70
CA ASP A 109 34.09 -15.40 -9.66
C ASP A 109 33.88 -14.92 -11.10
N LEU A 110 33.25 -13.77 -11.25
CA LEU A 110 32.97 -13.20 -12.57
C LEU A 110 34.11 -12.34 -13.14
N LYS A 111 35.27 -12.34 -12.46
CA LYS A 111 36.42 -11.55 -12.91
C LYS A 111 36.74 -11.84 -14.39
N GLY A 112 36.79 -10.79 -15.21
CA GLY A 112 37.16 -10.92 -16.63
C GLY A 112 36.02 -11.42 -17.52
N LYS A 113 34.83 -11.51 -16.97
CA LYS A 113 33.71 -12.09 -17.70
C LYS A 113 32.72 -11.00 -18.11
N LYS A 114 31.82 -11.35 -19.02
CA LYS A 114 30.83 -10.42 -19.56
C LYS A 114 29.50 -10.58 -18.85
N VAL A 115 28.99 -9.47 -18.32
CA VAL A 115 27.67 -9.46 -17.70
C VAL A 115 26.79 -8.41 -18.37
N GLY A 116 25.64 -8.85 -18.86
CA GLY A 116 24.69 -7.97 -19.55
C GLY A 116 23.79 -7.24 -18.57
N LEU A 117 23.41 -6.03 -18.94
CA LEU A 117 22.54 -5.18 -18.12
C LEU A 117 21.94 -4.11 -19.02
N GLU A 118 20.98 -3.35 -18.49
CA GLU A 118 20.29 -2.34 -19.30
C GLU A 118 20.93 -0.96 -19.16
N ASN A 119 21.05 -0.26 -20.29
CA ASN A 119 21.53 1.14 -20.31
CA ASN A 119 21.55 1.12 -20.27
C ASN A 119 20.65 2.00 -19.43
N GLY A 120 21.26 2.92 -18.68
CA GLY A 120 20.52 3.91 -17.89
C GLY A 120 20.06 3.47 -16.50
N THR A 121 20.41 2.24 -16.13
CA THR A 121 19.92 1.64 -14.88
C THR A 121 20.85 1.81 -13.68
N THR A 122 20.30 1.61 -12.49
CA THR A 122 21.07 1.46 -11.26
C THR A 122 22.11 0.36 -11.42
N HIS A 123 21.71 -0.72 -12.06
CA HIS A 123 22.57 -1.88 -12.23
C HIS A 123 23.81 -1.54 -13.03
N GLN A 124 23.64 -0.75 -14.08
CA GLN A 124 24.75 -0.33 -14.92
C GLN A 124 25.73 0.50 -14.08
N ARG A 125 25.21 1.45 -13.31
CA ARG A 125 26.05 2.33 -12.51
C ARG A 125 26.79 1.54 -11.43
N TYR A 126 26.06 0.66 -10.73
CA TYR A 126 26.68 -0.20 -9.73
C TYR A 126 27.85 -1.02 -10.28
N LEU A 127 27.62 -1.75 -11.37
CA LEU A 127 28.70 -2.60 -11.93
C LEU A 127 29.89 -1.80 -12.41
N GLN A 128 29.61 -0.67 -13.06
CA GLN A 128 30.67 0.21 -13.57
C GLN A 128 31.53 0.76 -12.45
N ASP A 129 30.90 1.09 -11.32
CA ASP A 129 31.60 1.72 -10.20
C ASP A 129 32.26 0.74 -9.27
N LYS A 130 31.53 -0.33 -8.93
CA LYS A 130 31.88 -1.18 -7.80
C LYS A 130 32.36 -2.57 -8.20
N GLN A 131 32.26 -2.92 -9.47
CA GLN A 131 32.72 -4.22 -9.93
C GLN A 131 33.50 -4.10 -11.22
N GLN A 132 34.61 -3.35 -11.16
CA GLN A 132 35.33 -2.97 -12.36
C GLN A 132 36.12 -4.07 -13.05
N ALA A 133 36.31 -5.21 -12.39
CA ALA A 133 36.98 -6.36 -12.99
C ALA A 133 36.02 -7.16 -13.88
N ILE A 134 34.73 -6.81 -13.82
CA ILE A 134 33.71 -7.42 -14.67
C ILE A 134 33.42 -6.50 -15.85
N THR A 135 33.30 -7.08 -17.04
CA THR A 135 32.95 -6.33 -18.23
C THR A 135 31.45 -6.17 -18.33
N PRO A 136 30.96 -4.92 -18.22
CA PRO A 136 29.53 -4.71 -18.36
C PRO A 136 29.17 -4.58 -19.85
N VAL A 137 28.08 -5.22 -20.26
CA VAL A 137 27.67 -5.15 -21.66
C VAL A 137 26.28 -4.55 -21.63
N ALA A 138 26.14 -3.39 -22.26
CA ALA A 138 24.90 -2.59 -22.18
C ALA A 138 23.94 -2.98 -23.30
N TYR A 139 22.66 -3.08 -22.93
CA TYR A 139 21.57 -3.41 -23.84
C TYR A 139 20.44 -2.42 -23.61
N ASP A 140 19.69 -2.09 -24.65
CA ASP A 140 18.43 -1.36 -24.44
C ASP A 140 17.22 -2.25 -24.17
N SER A 141 17.47 -3.52 -23.88
CA SER A 141 16.38 -4.43 -23.52
C SER A 141 16.91 -5.67 -22.85
N TYR A 142 16.45 -5.93 -21.63
CA TYR A 142 16.78 -7.18 -20.93
C TYR A 142 16.48 -8.40 -21.80
N LEU A 143 15.52 -8.31 -22.71
CA LEU A 143 15.21 -9.44 -23.60
C LEU A 143 16.40 -9.84 -24.49
N ASN A 144 17.08 -8.85 -25.06
CA ASN A 144 18.28 -9.12 -25.85
C ASN A 144 19.43 -9.65 -25.00
N ALA A 145 19.50 -9.16 -23.76
CA ALA A 145 20.51 -9.60 -22.78
C ALA A 145 20.33 -11.09 -22.48
N PHE A 146 19.11 -11.48 -22.16
CA PHE A 146 18.80 -12.90 -21.91
C PHE A 146 19.10 -13.81 -23.12
N THR A 147 18.75 -13.35 -24.30
CA THR A 147 19.08 -14.07 -25.52
C THR A 147 20.59 -14.30 -25.63
N ASP A 148 21.35 -13.26 -25.36
CA ASP A 148 22.81 -13.33 -25.41
C ASP A 148 23.40 -14.20 -24.31
N LEU A 149 22.75 -14.24 -23.15
CA LEU A 149 23.14 -15.18 -22.10
C LEU A 149 22.96 -16.62 -22.55
N LYS A 150 21.81 -16.91 -23.14
CA LYS A 150 21.47 -18.26 -23.57
C LYS A 150 22.33 -18.77 -24.72
N ASN A 151 22.78 -17.84 -25.56
N ASN A 151 22.79 -17.88 -25.60
CA ASN A 151 23.68 -18.13 -26.70
CA ASN A 151 23.69 -18.30 -26.67
C ASN A 151 25.16 -18.09 -26.31
C ASN A 151 25.16 -18.10 -26.31
N ASN A 152 25.44 -18.02 -25.00
CA ASN A 152 26.81 -17.93 -24.46
C ASN A 152 27.65 -16.71 -24.83
N ARG A 153 27.00 -15.63 -25.23
CA ARG A 153 27.71 -14.39 -25.49
C ARG A 153 27.98 -13.63 -24.19
N LEU A 154 27.28 -14.02 -23.13
CA LEU A 154 27.47 -13.44 -21.81
C LEU A 154 27.59 -14.54 -20.79
N GLU A 155 28.23 -14.25 -19.68
CA GLU A 155 28.26 -15.18 -18.54
C GLU A 155 27.14 -14.92 -17.53
N GLY A 156 26.63 -13.69 -17.52
CA GLY A 156 25.54 -13.35 -16.61
C GLY A 156 24.70 -12.20 -17.13
N VAL A 157 23.56 -12.00 -16.47
CA VAL A 157 22.69 -10.85 -16.70
C VAL A 157 22.34 -10.34 -15.31
N PHE A 158 22.47 -9.02 -15.12
CA PHE A 158 22.38 -8.38 -13.80
C PHE A 158 21.18 -7.45 -13.79
N GLY A 159 20.24 -7.67 -12.86
CA GLY A 159 19.00 -6.89 -12.79
C GLY A 159 18.23 -7.06 -11.48
N ASP A 160 16.98 -6.57 -11.46
CA ASP A 160 16.15 -6.68 -10.24
C ASP A 160 15.76 -8.12 -9.98
N VAL A 161 15.75 -8.51 -8.71
CA VAL A 161 15.44 -9.89 -8.33
C VAL A 161 14.11 -10.39 -8.87
N ALA A 162 13.08 -9.53 -8.85
CA ALA A 162 11.76 -9.91 -9.35
C ALA A 162 11.79 -10.23 -10.85
N ALA A 163 12.50 -9.41 -11.61
CA ALA A 163 12.58 -9.57 -13.06
C ALA A 163 13.37 -10.83 -13.42
N ILE A 164 14.52 -11.00 -12.78
CA ILE A 164 15.36 -12.17 -13.00
C ILE A 164 14.61 -13.44 -12.57
N GLY A 165 14.00 -13.37 -11.40
CA GLY A 165 13.21 -14.48 -10.86
C GLY A 165 12.13 -14.91 -11.83
N LYS A 166 11.45 -13.92 -12.41
CA LYS A 166 10.39 -14.21 -13.39
C LYS A 166 10.95 -14.94 -14.62
N TRP A 167 12.06 -14.45 -15.17
CA TRP A 167 12.70 -15.07 -16.33
C TRP A 167 13.09 -16.50 -16.03
N LEU A 168 13.54 -16.75 -14.80
CA LEU A 168 14.02 -18.08 -14.38
C LEU A 168 12.95 -19.15 -14.43
N LYS A 169 11.70 -18.74 -14.27
CA LYS A 169 10.58 -19.68 -14.33
C LYS A 169 10.61 -20.54 -15.59
N ASN A 170 11.11 -19.97 -16.69
CA ASN A 170 11.19 -20.71 -17.96
C ASN A 170 12.61 -21.09 -18.39
N ASN A 171 13.55 -20.97 -17.47
CA ASN A 171 14.95 -21.27 -17.75
C ASN A 171 15.68 -21.98 -16.60
N PRO A 172 15.26 -23.21 -16.27
CA PRO A 172 15.80 -23.89 -15.08
C PRO A 172 17.28 -24.29 -15.18
N ASP A 173 17.91 -24.12 -16.34
CA ASP A 173 19.36 -24.35 -16.45
C ASP A 173 20.16 -23.23 -15.80
N TYR A 174 19.48 -22.15 -15.45
CA TYR A 174 20.09 -20.94 -14.91
C TYR A 174 19.68 -20.77 -13.46
N ALA A 175 20.35 -19.88 -12.72
CA ALA A 175 20.02 -19.65 -11.31
C ALA A 175 20.50 -18.28 -10.88
N ILE A 176 19.82 -17.72 -9.88
CA ILE A 176 20.27 -16.51 -9.23
C ILE A 176 21.59 -16.83 -8.51
N MET A 177 22.59 -15.99 -8.75
CA MET A 177 23.90 -16.14 -8.16
C MET A 177 23.85 -15.84 -6.67
N ASP A 178 24.68 -16.54 -5.90
CA ASP A 178 24.62 -16.41 -4.43
C ASP A 178 24.87 -14.97 -3.95
N GLU A 179 25.90 -14.30 -4.45
CA GLU A 179 26.19 -12.95 -3.98
C GLU A 179 25.25 -11.96 -4.66
N ARG A 180 24.54 -11.19 -3.85
CA ARG A 180 23.67 -10.14 -4.34
C ARG A 180 24.32 -8.77 -4.13
N ALA A 181 23.76 -7.76 -4.79
CA ALA A 181 24.24 -6.38 -4.64
C ALA A 181 23.16 -5.56 -3.96
N SER A 182 23.54 -4.89 -2.88
N SER A 182 23.53 -4.89 -2.88
CA SER A 182 22.59 -4.15 -2.06
CA SER A 182 22.58 -4.14 -2.07
C SER A 182 23.08 -2.76 -1.69
C SER A 182 23.14 -2.81 -1.56
N ASP A 183 24.32 -2.45 -2.04
CA ASP A 183 24.99 -1.18 -1.67
C ASP A 183 23.98 -0.02 -1.65
N PRO A 184 23.74 0.60 -0.47
CA PRO A 184 22.68 1.61 -0.41
C PRO A 184 23.02 2.95 -1.09
N ASP A 185 24.25 3.11 -1.56
CA ASP A 185 24.60 4.23 -2.45
C ASP A 185 23.93 4.04 -3.82
N TYR A 186 23.51 2.80 -4.12
CA TYR A 186 22.97 2.41 -5.42
C TYR A 186 21.56 1.85 -5.36
N TYR A 187 21.24 1.15 -4.27
CA TYR A 187 20.01 0.36 -4.18
C TYR A 187 19.18 0.69 -2.94
N GLY A 188 17.89 0.38 -2.96
CA GLY A 188 17.04 0.59 -1.81
C GLY A 188 16.18 1.85 -1.88
N LYS A 189 16.39 2.67 -2.90
CA LYS A 189 15.48 3.80 -3.15
C LYS A 189 14.20 3.22 -3.73
N GLY A 190 13.06 3.70 -3.27
CA GLY A 190 11.78 3.13 -3.68
C GLY A 190 11.50 3.37 -5.15
N LEU A 191 10.49 2.68 -5.70
CA LEU A 191 10.05 2.93 -7.05
C LEU A 191 9.14 4.15 -7.05
N GLY A 192 9.29 5.00 -8.06
CA GLY A 192 8.51 6.23 -8.13
C GLY A 192 7.91 6.45 -9.50
N ILE A 193 6.87 7.25 -9.56
CA ILE A 193 6.34 7.75 -10.82
C ILE A 193 6.99 9.11 -11.08
N ALA A 194 7.59 9.29 -12.26
CA ALA A 194 8.32 10.51 -12.57
C ALA A 194 7.48 11.47 -13.42
N VAL A 195 7.58 12.75 -13.09
CA VAL A 195 7.01 13.82 -13.90
C VAL A 195 8.09 14.88 -14.08
N ARG A 196 7.90 15.80 -15.02
CA ARG A 196 8.80 16.92 -15.22
C ARG A 196 8.91 17.80 -13.98
N LYS A 197 10.06 18.44 -13.81
CA LYS A 197 10.33 19.29 -12.64
C LYS A 197 9.32 20.38 -12.31
N ASP A 198 8.76 21.04 -13.31
CA ASP A 198 7.87 22.17 -12.96
C ASP A 198 6.40 21.78 -13.12
N ASN A 199 6.07 20.54 -12.76
CA ASN A 199 4.72 20.04 -12.92
C ASN A 199 4.10 19.62 -11.58
N ASP A 200 4.10 20.53 -10.61
CA ASP A 200 3.66 20.19 -9.25
C ASP A 200 2.18 19.85 -9.11
N ALA A 201 1.32 20.49 -9.90
CA ALA A 201 -0.12 20.24 -9.82
C ALA A 201 -0.41 18.79 -10.22
N LEU A 202 0.20 18.34 -11.31
CA LEU A 202 0.06 16.97 -11.72
C LEU A 202 0.68 16.04 -10.67
N LEU A 203 1.89 16.36 -10.20
CA LEU A 203 2.55 15.50 -9.21
C LEU A 203 1.69 15.31 -7.96
N GLN A 204 1.11 16.40 -7.45
CA GLN A 204 0.28 16.31 -6.24
C GLN A 204 -1.03 15.55 -6.46
N GLU A 205 -1.57 15.62 -7.67
CA GLU A 205 -2.74 14.83 -8.04
C GLU A 205 -2.38 13.35 -7.98
N ILE A 206 -1.21 13.02 -8.54
CA ILE A 206 -0.70 11.65 -8.56
C ILE A 206 -0.45 11.14 -7.13
N ASN A 207 0.17 11.98 -6.30
CA ASN A 207 0.37 11.62 -4.90
C ASN A 207 -0.94 11.39 -4.13
N ALA A 208 -1.92 12.27 -4.33
CA ALA A 208 -3.20 12.13 -3.68
C ALA A 208 -3.87 10.81 -4.11
N ALA A 209 -3.71 10.46 -5.38
CA ALA A 209 -4.25 9.21 -5.91
C ALA A 209 -3.52 7.98 -5.37
N LEU A 210 -2.19 8.05 -5.32
CA LEU A 210 -1.37 6.97 -4.73
C LEU A 210 -1.70 6.71 -3.25
N ASP A 211 -1.94 7.78 -2.49
CA ASP A 211 -2.36 7.66 -1.09
C ASP A 211 -3.56 6.75 -0.97
N LYS A 212 -4.54 6.98 -1.84
CA LYS A 212 -5.73 6.15 -1.90
C LYS A 212 -5.46 4.73 -2.42
N VAL A 213 -4.75 4.62 -3.55
CA VAL A 213 -4.47 3.30 -4.14
C VAL A 213 -3.69 2.42 -3.17
N LYS A 214 -2.68 2.99 -2.52
CA LYS A 214 -1.83 2.23 -1.59
C LYS A 214 -2.56 1.78 -0.32
N ALA A 215 -3.69 2.44 -0.01
CA ALA A 215 -4.51 2.05 1.15
C ALA A 215 -5.58 1.01 0.81
N SER A 216 -5.66 0.63 -0.45
CA SER A 216 -6.73 -0.22 -0.93
C SER A 216 -6.35 -1.70 -0.85
N PRO A 217 -7.34 -2.56 -0.56
CA PRO A 217 -7.09 -4.02 -0.59
C PRO A 217 -6.57 -4.45 -1.98
N GLU A 218 -7.03 -3.76 -3.02
CA GLU A 218 -6.62 -4.05 -4.42
C GLU A 218 -5.12 -3.94 -4.66
N TYR A 219 -4.48 -3.02 -3.95
N TYR A 219 -4.49 -3.01 -3.97
CA TYR A 219 -3.06 -2.79 -4.11
CA TYR A 219 -3.05 -2.82 -4.12
C TYR A 219 -2.26 -3.95 -3.49
C TYR A 219 -2.27 -3.98 -3.51
N ALA A 220 -2.76 -4.50 -2.39
CA ALA A 220 -2.18 -5.72 -1.80
C ALA A 220 -2.34 -6.90 -2.78
N GLN A 221 -3.51 -6.96 -3.42
CA GLN A 221 -3.78 -8.01 -4.40
C GLN A 221 -2.90 -7.89 -5.66
N MET A 222 -2.59 -6.66 -6.08
CA MET A 222 -1.65 -6.44 -7.20
C MET A 222 -0.27 -7.03 -6.92
N GLN A 223 0.20 -6.83 -5.68
CA GLN A 223 1.49 -7.35 -5.25
C GLN A 223 1.48 -8.89 -5.21
N GLU A 224 0.42 -9.44 -4.62
CA GLU A 224 0.17 -10.87 -4.62
C GLU A 224 0.19 -11.46 -6.04
N LYS A 225 -0.51 -10.80 -6.96
CA LYS A 225 -0.57 -11.29 -8.34
C LYS A 225 0.79 -11.31 -9.02
N TRP A 226 1.51 -10.20 -8.92
CA TRP A 226 2.70 -9.98 -9.74
C TRP A 226 4.02 -10.41 -9.10
N PHE A 227 4.07 -10.48 -7.77
CA PHE A 227 5.33 -10.75 -7.06
C PHE A 227 5.45 -12.11 -6.35
N THR A 228 4.37 -12.90 -6.35
CA THR A 228 4.41 -14.25 -5.76
C THR A 228 5.02 -15.30 -6.70
N ALA B 5 15.27 6.75 22.43
CA ALA B 5 15.53 8.18 22.07
C ALA B 5 14.24 8.99 21.97
N ARG B 6 13.15 8.33 21.59
CA ARG B 6 11.85 8.96 21.44
C ARG B 6 10.73 7.93 21.58
N THR B 7 9.63 8.34 22.19
CA THR B 7 8.41 7.54 22.25
C THR B 7 7.23 8.30 21.63
N LEU B 8 6.43 7.59 20.83
CA LEU B 8 5.16 8.10 20.34
C LEU B 8 4.02 7.45 21.12
N HIS B 9 3.21 8.27 21.78
CA HIS B 9 2.08 7.80 22.56
C HIS B 9 0.81 7.82 21.71
N PHE B 10 0.26 6.65 21.48
CA PHE B 10 -0.99 6.49 20.74
C PHE B 10 -2.15 6.25 21.69
N GLY B 11 -3.29 6.87 21.39
CA GLY B 11 -4.55 6.54 22.04
C GLY B 11 -5.32 5.58 21.14
N THR B 12 -5.91 4.55 21.72
CA THR B 12 -6.73 3.59 20.96
C THR B 12 -7.89 3.05 21.80
N SER B 13 -8.75 2.26 21.16
CA SER B 13 -9.89 1.62 21.84
C SER B 13 -9.90 0.13 21.50
N ALA B 14 -9.28 -0.68 22.36
CA ALA B 14 -9.02 -2.08 22.06
C ALA B 14 -10.26 -2.95 22.30
N THR B 15 -11.29 -2.68 21.52
CA THR B 15 -12.61 -3.31 21.66
C THR B 15 -13.11 -3.82 20.30
N TYR B 16 -12.19 -3.90 19.34
CA TYR B 16 -12.56 -3.95 17.94
C TYR B 16 -11.63 -4.80 17.08
N ALA B 17 -11.54 -6.09 17.38
CA ALA B 17 -10.81 -7.03 16.53
C ALA B 17 -11.40 -6.98 15.11
N PRO B 18 -10.55 -7.06 14.06
CA PRO B 18 -9.10 -7.25 14.06
C PRO B 18 -8.27 -5.96 14.06
N TYR B 19 -8.91 -4.80 14.17
CA TYR B 19 -8.18 -3.52 14.18
C TYR B 19 -7.31 -3.34 15.43
N GLU B 20 -7.94 -3.45 16.61
CA GLU B 20 -7.22 -3.51 17.88
C GLU B 20 -8.09 -4.22 18.90
N PHE B 21 -7.46 -5.10 19.69
CA PHE B 21 -8.17 -5.86 20.71
C PHE B 21 -7.19 -6.40 21.71
N VAL B 22 -7.71 -6.93 22.81
CA VAL B 22 -6.87 -7.50 23.85
C VAL B 22 -6.88 -9.01 23.65
N ASP B 23 -5.70 -9.60 23.48
CA ASP B 23 -5.60 -11.05 23.29
C ASP B 23 -5.66 -11.81 24.63
N ALA B 24 -5.49 -13.14 24.56
CA ALA B 24 -5.62 -14.00 25.73
C ALA B 24 -4.46 -13.87 26.71
N ASP B 25 -3.47 -13.03 26.37
CA ASP B 25 -2.34 -12.77 27.25
C ASP B 25 -2.44 -11.36 27.85
N ASN B 26 -3.59 -10.72 27.64
CA ASN B 26 -3.87 -9.37 28.11
C ASN B 26 -3.01 -8.30 27.46
N LYS B 27 -2.59 -8.56 26.22
CA LYS B 27 -1.80 -7.63 25.43
C LYS B 27 -2.63 -7.06 24.29
N ILE B 28 -2.42 -5.78 24.00
CA ILE B 28 -3.15 -5.10 22.93
C ILE B 28 -2.49 -5.41 21.57
N VAL B 29 -3.27 -5.97 20.64
CA VAL B 29 -2.77 -6.44 19.34
C VAL B 29 -3.73 -6.10 18.20
N GLY B 30 -3.29 -6.27 16.96
CA GLY B 30 -4.18 -6.10 15.81
C GLY B 30 -3.59 -5.35 14.65
N PHE B 31 -4.40 -5.12 13.62
CA PHE B 31 -3.92 -4.46 12.41
C PHE B 31 -3.39 -3.08 12.71
N ASP B 32 -4.15 -2.28 13.47
CA ASP B 32 -3.74 -0.91 13.81
C ASP B 32 -2.47 -0.88 14.64
N ILE B 33 -2.33 -1.86 15.52
CA ILE B 33 -1.14 -1.97 16.38
C ILE B 33 0.11 -2.20 15.51
N ASP B 34 0.01 -3.13 14.56
CA ASP B 34 1.09 -3.41 13.61
C ASP B 34 1.44 -2.21 12.75
N VAL B 35 0.42 -1.49 12.28
CA VAL B 35 0.64 -0.29 11.46
C VAL B 35 1.37 0.77 12.28
N ALA B 36 0.86 1.06 13.48
CA ALA B 36 1.45 2.08 14.34
C ALA B 36 2.88 1.72 14.71
N ASN B 37 3.13 0.45 15.00
CA ASN B 37 4.48 -0.02 15.29
C ASN B 37 5.42 0.17 14.10
N ALA B 38 4.93 -0.11 12.90
CA ALA B 38 5.72 0.08 11.68
C ALA B 38 6.02 1.56 11.42
N VAL B 39 5.00 2.40 11.63
CA VAL B 39 5.18 3.85 11.56
C VAL B 39 6.23 4.32 12.59
N CYS B 40 6.17 3.79 13.80
CA CYS B 40 7.13 4.14 14.85
C CYS B 40 8.57 3.72 14.51
N LYS B 41 8.71 2.54 13.92
CA LYS B 41 10.02 2.06 13.48
C LYS B 41 10.64 2.98 12.42
N GLU B 42 9.84 3.43 11.45
CA GLU B 42 10.31 4.36 10.41
C GLU B 42 10.73 5.70 11.01
N MET B 43 10.10 6.06 12.13
CA MET B 43 10.39 7.31 12.83
C MET B 43 11.45 7.12 13.93
N GLN B 44 12.03 5.91 14.01
CA GLN B 44 13.02 5.53 15.03
C GLN B 44 12.53 5.86 16.44
N ALA B 45 11.27 5.52 16.69
CA ALA B 45 10.61 5.82 17.94
C ALA B 45 10.03 4.56 18.57
N GLU B 46 9.97 4.57 19.90
CA GLU B 46 9.28 3.52 20.65
C GLU B 46 7.78 3.77 20.54
N CYS B 47 6.99 2.71 20.66
CA CYS B 47 5.55 2.81 20.51
C CYS B 47 4.84 2.50 21.82
N SER B 48 3.96 3.40 22.24
CA SER B 48 3.21 3.26 23.48
C SER B 48 1.70 3.47 23.25
N PHE B 49 0.88 2.59 23.82
CA PHE B 49 -0.57 2.66 23.65
C PHE B 49 -1.35 2.90 24.94
N THR B 50 -2.32 3.80 24.86
CA THR B 50 -3.29 4.00 25.93
C THR B 50 -4.65 3.51 25.45
N ASN B 51 -5.31 2.71 26.28
CA ASN B 51 -6.60 2.08 25.95
C ASN B 51 -7.75 2.74 26.72
N GLN B 52 -8.70 3.31 25.97
CA GLN B 52 -9.87 3.99 26.53
C GLN B 52 -11.03 3.97 25.52
N SER B 53 -12.24 4.31 25.97
CA SER B 53 -13.42 4.25 25.09
C SER B 53 -13.24 5.13 23.86
N PHE B 54 -13.82 4.67 22.75
CA PHE B 54 -13.69 5.32 21.43
C PHE B 54 -14.13 6.79 21.44
N ASP B 55 -15.22 7.11 22.13
CA ASP B 55 -15.78 8.46 22.13
C ASP B 55 -14.96 9.49 22.92
N SER B 56 -13.94 9.02 23.64
CA SER B 56 -13.08 9.88 24.45
C SER B 56 -11.72 10.15 23.79
N LEU B 57 -11.38 9.39 22.75
CA LEU B 57 -10.07 9.50 22.10
C LEU B 57 -9.76 10.90 21.57
N ILE B 58 -10.69 11.48 20.81
CA ILE B 58 -10.52 12.83 20.25
C ILE B 58 -10.47 13.97 21.29
N PRO B 59 -11.43 14.00 22.25
CA PRO B 59 -11.28 14.96 23.35
C PRO B 59 -9.92 14.82 24.06
N SER B 60 -9.51 13.58 24.33
CA SER B 60 -8.23 13.31 24.99
C SER B 60 -7.00 13.71 24.17
N LEU B 61 -7.06 13.46 22.86
CA LEU B 61 -6.02 13.90 21.93
C LEU B 61 -5.83 15.42 21.97
N ARG B 62 -6.95 16.15 21.95
CA ARG B 62 -6.97 17.60 22.04
C ARG B 62 -6.43 18.10 23.38
N PHE B 63 -6.66 17.31 24.43
CA PHE B 63 -6.20 17.64 25.79
C PHE B 63 -4.72 17.31 26.00
N LYS B 64 -4.08 16.75 24.97
CA LYS B 64 -2.65 16.41 24.99
C LYS B 64 -2.32 15.15 25.82
N LYS B 65 -3.30 14.26 26.00
CA LYS B 65 -3.08 13.01 26.73
C LYS B 65 -2.11 12.08 25.99
N PHE B 66 -2.17 12.11 24.66
CA PHE B 66 -1.24 11.41 23.81
C PHE B 66 -0.96 12.21 22.53
N ASP B 67 -0.02 11.72 21.73
CA ASP B 67 0.43 12.40 20.51
C ASP B 67 -0.45 12.12 19.31
N ALA B 68 -1.01 10.92 19.25
CA ALA B 68 -1.78 10.48 18.10
C ALA B 68 -2.84 9.47 18.52
N VAL B 69 -3.79 9.24 17.64
CA VAL B 69 -4.83 8.25 17.85
C VAL B 69 -4.91 7.35 16.62
N ILE B 70 -4.92 6.04 16.86
CA ILE B 70 -5.25 5.05 15.84
C ILE B 70 -6.26 4.08 16.45
N ALA B 71 -7.43 3.92 15.81
CA ALA B 71 -8.54 3.18 16.42
C ALA B 71 -9.62 2.79 15.40
N GLY B 72 -9.17 2.30 14.24
CA GLY B 72 -10.04 2.01 13.12
C GLY B 72 -10.98 3.17 12.85
N MET B 73 -10.43 4.39 12.88
CA MET B 73 -11.20 5.63 12.86
C MET B 73 -11.37 6.21 11.45
N ASP B 74 -12.61 6.22 10.97
CA ASP B 74 -12.97 6.84 9.69
C ASP B 74 -12.70 8.34 9.74
N MET B 75 -12.18 8.88 8.63
CA MET B 75 -11.85 10.30 8.52
C MET B 75 -13.06 11.13 8.08
N THR B 76 -14.02 11.28 8.99
CA THR B 76 -15.28 11.95 8.70
C THR B 76 -15.14 13.47 8.76
N PRO B 77 -15.97 14.20 7.97
CA PRO B 77 -15.97 15.67 7.98
C PRO B 77 -16.09 16.26 9.38
N LYS B 78 -16.92 15.65 10.24
CA LYS B 78 -17.13 16.15 11.61
C LYS B 78 -15.87 15.99 12.46
N ARG B 79 -15.13 14.91 12.21
CA ARG B 79 -13.86 14.69 12.93
C ARG B 79 -12.75 15.63 12.47
N GLU B 80 -12.70 15.90 11.18
CA GLU B 80 -11.70 16.78 10.58
C GLU B 80 -11.82 18.22 11.08
N GLN B 81 -12.98 18.57 11.63
CA GLN B 81 -13.19 19.88 12.27
C GLN B 81 -12.46 19.95 13.61
N GLN B 82 -12.21 18.77 14.20
CA GLN B 82 -11.70 18.66 15.56
C GLN B 82 -10.22 18.30 15.63
N VAL B 83 -9.78 17.47 14.68
CA VAL B 83 -8.41 16.97 14.63
C VAL B 83 -7.88 16.97 13.20
N SER B 84 -6.58 16.73 13.06
CA SER B 84 -5.98 16.53 11.75
C SER B 84 -5.69 15.05 11.52
N PHE B 85 -6.00 14.57 10.34
CA PHE B 85 -5.74 13.18 9.99
C PHE B 85 -4.58 13.05 9.04
N SER B 86 -3.86 11.93 9.15
CA SER B 86 -2.92 11.49 8.14
C SER B 86 -3.67 11.11 6.88
N GLN B 87 -2.91 10.81 5.84
CA GLN B 87 -3.41 10.09 4.67
C GLN B 87 -4.11 8.81 5.14
N PRO B 88 -5.02 8.28 4.30
CA PRO B 88 -5.65 6.99 4.63
C PRO B 88 -4.59 5.90 4.73
N TYR B 89 -4.76 4.97 5.67
CA TYR B 89 -3.87 3.81 5.77
C TYR B 89 -4.64 2.52 5.56
N TYR B 90 -5.96 2.63 5.43
CA TYR B 90 -6.84 1.51 5.08
C TYR B 90 -8.20 2.07 4.68
N GLU B 91 -8.95 1.34 3.85
CA GLU B 91 -10.21 1.89 3.34
C GLU B 91 -11.31 1.75 4.37
N GLY B 92 -12.17 2.77 4.44
CA GLY B 92 -13.41 2.66 5.22
C GLY B 92 -14.38 1.85 4.38
N LEU B 93 -14.81 0.71 4.92
CA LEU B 93 -15.70 -0.18 4.17
C LEU B 93 -17.15 -0.17 4.68
N SER B 94 -17.90 -1.19 4.27
CA SER B 94 -19.33 -1.27 4.57
C SER B 94 -19.58 -1.57 6.05
N ALA B 95 -20.74 -1.14 6.52
CA ALA B 95 -21.18 -1.42 7.87
C ALA B 95 -22.28 -2.46 7.82
N VAL B 96 -22.25 -3.40 8.76
CA VAL B 96 -23.23 -4.49 8.79
C VAL B 96 -23.84 -4.68 10.18
N VAL B 97 -25.03 -5.28 10.22
CA VAL B 97 -25.67 -5.65 11.48
C VAL B 97 -25.50 -7.17 11.64
N VAL B 98 -25.18 -7.59 12.87
CA VAL B 98 -25.21 -9.01 13.20
C VAL B 98 -26.41 -9.26 14.10
N THR B 99 -27.19 -10.29 13.78
CA THR B 99 -28.35 -10.71 14.58
C THR B 99 -28.35 -12.23 14.68
N ARG B 100 -29.30 -12.78 15.46
CA ARG B 100 -29.57 -14.21 15.42
C ARG B 100 -29.82 -14.57 13.97
N LYS B 101 -29.25 -15.68 13.51
CA LYS B 101 -29.35 -16.09 12.11
C LYS B 101 -30.81 -16.17 11.64
N GLY B 102 -31.10 -15.53 10.50
CA GLY B 102 -32.44 -15.55 9.91
C GLY B 102 -33.50 -14.71 10.61
N ALA B 103 -33.15 -14.12 11.75
CA ALA B 103 -34.12 -13.33 12.53
C ALA B 103 -34.54 -12.05 11.84
N TYR B 104 -33.59 -11.35 11.22
CA TYR B 104 -33.87 -10.10 10.50
C TYR B 104 -33.14 -10.06 9.15
N HIS B 105 -33.73 -9.40 8.16
CA HIS B 105 -33.14 -9.34 6.82
C HIS B 105 -32.77 -7.91 6.38
N THR B 106 -33.56 -6.94 6.79
CA THR B 106 -33.38 -5.54 6.37
C THR B 106 -33.51 -4.65 7.59
N PHE B 107 -33.06 -3.40 7.46
CA PHE B 107 -33.25 -2.39 8.49
C PHE B 107 -34.73 -2.19 8.81
N ALA B 108 -35.57 -2.33 7.79
CA ALA B 108 -37.03 -2.30 7.96
C ALA B 108 -37.52 -3.35 8.96
N ASP B 109 -36.94 -4.56 8.88
CA ASP B 109 -37.33 -5.65 9.80
C ASP B 109 -36.95 -5.35 11.26
N LEU B 110 -36.01 -4.42 11.46
CA LEU B 110 -35.53 -4.07 12.80
C LEU B 110 -36.29 -2.91 13.43
N LYS B 111 -37.38 -2.48 12.77
CA LYS B 111 -38.24 -1.40 13.26
C LYS B 111 -38.68 -1.61 14.71
N GLY B 112 -38.37 -0.63 15.56
CA GLY B 112 -38.76 -0.67 16.98
C GLY B 112 -37.94 -1.61 17.83
N LYS B 113 -36.76 -1.96 17.35
CA LYS B 113 -35.87 -2.89 18.06
C LYS B 113 -34.58 -2.23 18.51
N LYS B 114 -33.88 -2.92 19.40
CA LYS B 114 -32.62 -2.41 19.95
C LYS B 114 -31.43 -2.93 19.17
N VAL B 115 -30.60 -2.01 18.68
CA VAL B 115 -29.36 -2.32 17.98
C VAL B 115 -28.17 -1.62 18.66
N GLY B 116 -27.22 -2.43 19.13
CA GLY B 116 -26.03 -1.92 19.82
C GLY B 116 -24.93 -1.41 18.90
N LEU B 117 -24.21 -0.40 19.38
CA LEU B 117 -23.09 0.21 18.68
C LEU B 117 -22.30 1.03 19.70
N GLU B 118 -21.09 1.46 19.32
CA GLU B 118 -20.32 2.36 20.18
C GLU B 118 -20.73 3.82 19.99
N ASN B 119 -20.73 4.57 21.09
CA ASN B 119 -20.96 6.01 21.07
C ASN B 119 -19.84 6.72 20.33
N GLY B 120 -20.18 7.77 19.59
CA GLY B 120 -19.20 8.57 18.84
C GLY B 120 -18.78 8.02 17.49
N THR B 121 -19.40 6.90 17.07
CA THR B 121 -19.02 6.24 15.83
C THR B 121 -19.82 6.72 14.62
N THR B 122 -19.30 6.39 13.43
CA THR B 122 -20.01 6.56 12.18
C THR B 122 -21.36 5.80 12.19
N HIS B 123 -21.35 4.60 12.76
CA HIS B 123 -22.52 3.71 12.79
C HIS B 123 -23.66 4.33 13.58
N GLN B 124 -23.30 5.02 14.66
CA GLN B 124 -24.26 5.76 15.47
C GLN B 124 -24.96 6.83 14.66
N ARG B 125 -24.18 7.62 13.92
CA ARG B 125 -24.72 8.75 13.17
C ARG B 125 -25.60 8.30 12.01
N TYR B 126 -25.21 7.20 11.37
CA TYR B 126 -26.02 6.61 10.29
C TYR B 126 -27.38 6.11 10.81
N LEU B 127 -27.37 5.40 11.93
CA LEU B 127 -28.63 4.91 12.52
C LEU B 127 -29.56 6.06 12.90
N GLN B 128 -29.01 7.07 13.58
CA GLN B 128 -29.79 8.20 14.07
C GLN B 128 -30.40 9.03 12.95
N ASP B 129 -29.67 9.15 11.84
CA ASP B 129 -30.09 9.99 10.73
C ASP B 129 -30.86 9.25 9.63
N LYS B 130 -30.57 7.97 9.45
CA LYS B 130 -31.11 7.21 8.29
C LYS B 130 -32.03 6.04 8.64
N GLN B 131 -32.04 5.63 9.91
CA GLN B 131 -32.84 4.49 10.35
C GLN B 131 -33.50 4.81 11.69
N GLN B 132 -34.31 5.86 11.68
CA GLN B 132 -34.85 6.48 12.89
C GLN B 132 -35.92 5.63 13.59
N ALA B 133 -36.47 4.65 12.88
CA ALA B 133 -37.42 3.70 13.46
C ALA B 133 -36.71 2.67 14.34
N ILE B 134 -35.39 2.58 14.18
CA ILE B 134 -34.56 1.67 14.98
C ILE B 134 -34.03 2.39 16.22
N THR B 135 -34.08 1.71 17.36
CA THR B 135 -33.49 2.22 18.60
C THR B 135 -31.97 2.00 18.60
N PRO B 136 -31.20 3.09 18.60
CA PRO B 136 -29.76 2.94 18.82
C PRO B 136 -29.49 2.77 20.31
N VAL B 137 -28.63 1.82 20.66
CA VAL B 137 -28.21 1.65 22.05
C VAL B 137 -26.70 1.87 22.06
N ALA B 138 -26.29 3.02 22.59
CA ALA B 138 -24.89 3.43 22.54
C ALA B 138 -24.10 2.89 23.73
N TYR B 139 -22.98 2.24 23.42
CA TYR B 139 -22.08 1.69 24.43
C TYR B 139 -20.76 2.43 24.37
N ASP B 140 -20.02 2.39 25.47
CA ASP B 140 -18.64 2.84 25.44
C ASP B 140 -17.81 1.83 24.66
N SER B 141 -18.17 0.55 24.78
CA SER B 141 -17.38 -0.56 24.22
C SER B 141 -18.24 -1.57 23.46
N TYR B 142 -17.77 -1.95 22.27
CA TYR B 142 -18.39 -3.04 21.48
C TYR B 142 -18.41 -4.37 22.22
N LEU B 143 -17.42 -4.61 23.07
CA LEU B 143 -17.34 -5.83 23.85
C LEU B 143 -18.61 -6.06 24.67
N ASN B 144 -19.06 -5.00 25.33
CA ASN B 144 -20.28 -5.02 26.13
C ASN B 144 -21.54 -5.17 25.29
N ALA B 145 -21.54 -4.54 24.11
CA ALA B 145 -22.65 -4.66 23.17
C ALA B 145 -22.82 -6.11 22.72
N PHE B 146 -21.70 -6.77 22.39
CA PHE B 146 -21.73 -8.17 21.98
C PHE B 146 -22.25 -9.07 23.09
N THR B 147 -21.78 -8.82 24.32
CA THR B 147 -22.25 -9.52 25.50
C THR B 147 -23.77 -9.42 25.63
N ASP B 148 -24.30 -8.19 25.52
CA ASP B 148 -25.75 -7.99 25.57
C ASP B 148 -26.49 -8.73 24.47
N LEU B 149 -25.90 -8.79 23.26
CA LEU B 149 -26.50 -9.52 22.14
C LEU B 149 -26.63 -11.03 22.42
N LYS B 150 -25.56 -11.63 22.93
CA LYS B 150 -25.59 -13.04 23.34
C LYS B 150 -26.62 -13.27 24.45
N ASN B 151 -26.78 -12.28 25.32
CA ASN B 151 -27.71 -12.35 26.44
C ASN B 151 -29.13 -11.88 26.08
N ASN B 152 -29.39 -11.71 24.78
CA ASN B 152 -30.69 -11.32 24.23
C ASN B 152 -31.23 -9.95 24.69
N ARG B 153 -30.33 -9.06 25.13
CA ARG B 153 -30.69 -7.70 25.53
C ARG B 153 -30.65 -6.74 24.34
N LEU B 154 -30.12 -7.23 23.21
CA LEU B 154 -30.15 -6.50 21.96
C LEU B 154 -30.67 -7.43 20.87
N GLU B 155 -31.23 -6.83 19.81
CA GLU B 155 -31.62 -7.58 18.62
C GLU B 155 -30.48 -7.62 17.59
N GLY B 156 -29.62 -6.61 17.62
CA GLY B 156 -28.47 -6.57 16.72
C GLY B 156 -27.32 -5.75 17.26
N VAL B 157 -26.15 -5.96 16.67
CA VAL B 157 -24.98 -5.10 16.89
C VAL B 157 -24.52 -4.62 15.52
N PHE B 158 -24.26 -3.32 15.41
CA PHE B 158 -24.02 -2.66 14.13
C PHE B 158 -22.60 -2.10 14.11
N GLY B 159 -21.80 -2.57 13.15
CA GLY B 159 -20.41 -2.11 13.03
C GLY B 159 -19.75 -2.45 11.71
N ASP B 160 -18.44 -2.20 11.63
CA ASP B 160 -17.63 -2.46 10.44
C ASP B 160 -17.62 -3.94 10.07
N VAL B 161 -17.67 -4.25 8.78
CA VAL B 161 -17.80 -5.67 8.37
C VAL B 161 -16.66 -6.57 8.91
N ALA B 162 -15.42 -6.08 8.93
CA ALA B 162 -14.31 -6.88 9.46
C ALA B 162 -14.47 -7.22 10.95
N ALA B 163 -14.95 -6.26 11.75
CA ALA B 163 -15.11 -6.46 13.20
C ALA B 163 -16.26 -7.41 13.50
N ILE B 164 -17.36 -7.23 12.79
CA ILE B 164 -18.53 -8.10 12.91
C ILE B 164 -18.18 -9.50 12.40
N GLY B 165 -17.54 -9.57 11.23
CA GLY B 165 -17.09 -10.85 10.66
C GLY B 165 -16.16 -11.61 11.59
N LYS B 166 -15.27 -10.89 12.26
CA LYS B 166 -14.33 -11.49 13.21
C LYS B 166 -15.05 -12.07 14.44
N TRP B 167 -15.98 -11.31 15.01
CA TRP B 167 -16.81 -11.78 16.14
C TRP B 167 -17.63 -13.03 15.77
N LEU B 168 -18.09 -13.09 14.53
CA LEU B 168 -18.92 -14.19 14.02
C LEU B 168 -18.23 -15.54 14.01
N LYS B 169 -16.93 -15.55 13.78
CA LYS B 169 -16.15 -16.78 13.65
C LYS B 169 -16.33 -17.72 14.84
N ASN B 170 -16.58 -17.14 16.01
CA ASN B 170 -16.85 -17.90 17.24
C ASN B 170 -18.29 -17.89 17.73
N ASN B 171 -19.19 -17.31 16.94
CA ASN B 171 -20.61 -17.27 17.30
C ASN B 171 -21.53 -17.71 16.15
N PRO B 172 -21.54 -19.03 15.85
CA PRO B 172 -22.23 -19.55 14.65
C PRO B 172 -23.76 -19.47 14.68
N ASP B 173 -24.36 -19.16 15.84
CA ASP B 173 -25.81 -18.94 15.95
C ASP B 173 -26.23 -17.60 15.35
N TYR B 174 -25.25 -16.75 15.01
CA TYR B 174 -25.49 -15.40 14.51
C TYR B 174 -25.10 -15.25 13.04
N ALA B 175 -25.52 -14.16 12.40
CA ALA B 175 -25.25 -13.94 10.98
C ALA B 175 -25.31 -12.46 10.61
N ILE B 176 -24.49 -12.09 9.63
CA ILE B 176 -24.55 -10.77 9.01
C ILE B 176 -25.89 -10.59 8.30
N MET B 177 -26.55 -9.48 8.59
CA MET B 177 -27.85 -9.18 8.00
C MET B 177 -27.72 -8.87 6.50
N ASP B 178 -28.72 -9.29 5.73
CA ASP B 178 -28.71 -9.14 4.28
C ASP B 178 -28.43 -7.71 3.83
N GLU B 179 -29.18 -6.75 4.37
CA GLU B 179 -29.02 -5.36 3.98
C GLU B 179 -27.83 -4.71 4.71
N ARG B 180 -26.89 -4.18 3.93
CA ARG B 180 -25.69 -3.53 4.45
C ARG B 180 -25.78 -2.04 4.19
N ALA B 181 -24.97 -1.27 4.92
CA ALA B 181 -24.91 0.17 4.75
C ALA B 181 -23.54 0.59 4.22
N SER B 182 -23.55 1.41 3.18
CA SER B 182 -22.30 1.97 2.64
C SER B 182 -22.50 3.40 2.15
N ASP B 183 -23.62 4.00 2.55
CA ASP B 183 -23.97 5.39 2.24
C ASP B 183 -22.73 6.30 2.34
N PRO B 184 -22.32 6.90 1.21
CA PRO B 184 -21.11 7.74 1.13
C PRO B 184 -21.10 8.93 2.10
N ASP B 185 -22.27 9.31 2.61
CA ASP B 185 -22.39 10.41 3.56
C ASP B 185 -21.88 10.05 4.96
N TYR B 186 -21.80 8.76 5.25
CA TYR B 186 -21.37 8.26 6.54
C TYR B 186 -20.19 7.31 6.41
N TYR B 187 -20.09 6.62 5.28
CA TYR B 187 -19.09 5.56 5.11
C TYR B 187 -18.19 5.75 3.90
N GLY B 188 -17.04 5.08 3.94
CA GLY B 188 -16.13 5.02 2.79
C GLY B 188 -14.99 6.02 2.80
N LYS B 189 -14.87 6.82 3.86
CA LYS B 189 -13.86 7.87 3.93
C LYS B 189 -12.41 7.39 4.02
N GLY B 190 -12.20 6.25 4.66
CA GLY B 190 -10.83 5.76 4.90
C GLY B 190 -10.37 6.01 6.32
N LEU B 191 -9.57 5.10 6.85
CA LEU B 191 -9.04 5.19 8.21
C LEU B 191 -7.82 6.11 8.28
N GLY B 192 -7.76 6.96 9.29
CA GLY B 192 -6.62 7.84 9.46
C GLY B 192 -6.03 7.72 10.84
N ILE B 193 -4.80 8.19 10.98
CA ILE B 193 -4.20 8.42 12.29
C ILE B 193 -4.46 9.89 12.60
N ALA B 194 -5.09 10.15 13.74
CA ALA B 194 -5.42 11.51 14.15
C ALA B 194 -4.32 12.17 15.01
N VAL B 195 -4.03 13.43 14.72
CA VAL B 195 -3.15 14.27 15.56
C VAL B 195 -3.83 15.60 15.84
N ARG B 196 -3.30 16.37 16.78
CA ARG B 196 -3.82 17.72 17.07
C ARG B 196 -3.61 18.67 15.90
N LYS B 197 -4.56 19.54 15.68
CA LYS B 197 -4.56 20.53 14.59
C LYS B 197 -3.31 21.42 14.53
N ASP B 198 -2.70 21.69 15.67
CA ASP B 198 -1.50 22.54 15.70
C ASP B 198 -0.20 21.74 15.70
N ASN B 199 -0.29 20.45 15.39
CA ASN B 199 0.87 19.57 15.40
C ASN B 199 1.25 19.09 14.00
N ASP B 200 1.50 20.04 13.10
CA ASP B 200 1.75 19.72 11.69
C ASP B 200 3.12 19.09 11.43
N ALA B 201 4.10 19.40 12.28
CA ALA B 201 5.42 18.77 12.20
C ALA B 201 5.31 17.26 12.43
N LEU B 202 4.55 16.86 13.45
CA LEU B 202 4.31 15.46 13.72
C LEU B 202 3.49 14.79 12.61
N LEU B 203 2.48 15.51 12.12
CA LEU B 203 1.62 14.99 11.05
C LEU B 203 2.43 14.67 9.79
N GLN B 204 3.36 15.55 9.43
CA GLN B 204 4.23 15.35 8.28
C GLN B 204 5.17 14.15 8.42
N GLU B 205 5.65 13.91 9.63
CA GLU B 205 6.53 12.78 9.93
C GLU B 205 5.76 11.47 9.80
N ILE B 206 4.54 11.46 10.32
CA ILE B 206 3.68 10.28 10.22
C ILE B 206 3.31 9.99 8.76
N ASN B 207 2.99 11.03 7.99
CA ASN B 207 2.70 10.85 6.55
C ASN B 207 3.92 10.35 5.77
N ALA B 208 5.10 10.88 6.07
CA ALA B 208 6.32 10.40 5.43
C ALA B 208 6.56 8.92 5.79
N ALA B 209 6.35 8.58 7.07
CA ALA B 209 6.48 7.18 7.52
C ALA B 209 5.47 6.26 6.81
N LEU B 210 4.21 6.70 6.75
CA LEU B 210 3.15 5.94 6.08
C LEU B 210 3.42 5.74 4.59
N ASP B 211 4.00 6.74 3.92
CA ASP B 211 4.42 6.60 2.53
C ASP B 211 5.34 5.38 2.34
N LYS B 212 6.28 5.20 3.27
CA LYS B 212 7.20 4.06 3.21
C LYS B 212 6.53 2.75 3.62
N VAL B 213 5.83 2.78 4.75
CA VAL B 213 5.12 1.60 5.24
C VAL B 213 4.14 1.06 4.20
N LYS B 214 3.36 1.94 3.58
CA LYS B 214 2.34 1.48 2.64
C LYS B 214 2.95 0.99 1.32
N ALA B 215 4.20 1.34 1.08
CA ALA B 215 4.89 0.86 -0.12
C ALA B 215 5.59 -0.48 0.14
N SER B 216 5.50 -0.97 1.36
CA SER B 216 6.29 -2.15 1.77
C SER B 216 5.52 -3.47 1.58
N PRO B 217 6.23 -4.55 1.21
CA PRO B 217 5.58 -5.87 1.19
C PRO B 217 5.04 -6.28 2.56
N GLU B 218 5.69 -5.81 3.64
CA GLU B 218 5.24 -6.06 5.02
C GLU B 218 3.81 -5.59 5.30
N TYR B 219 3.45 -4.45 4.71
CA TYR B 219 2.13 -3.88 4.92
C TYR B 219 1.02 -4.71 4.24
N ALA B 220 1.34 -5.26 3.06
CA ALA B 220 0.44 -6.21 2.39
C ALA B 220 0.25 -7.46 3.26
N GLN B 221 1.35 -7.95 3.84
CA GLN B 221 1.31 -9.10 4.73
C GLN B 221 0.46 -8.83 5.97
N MET B 222 0.54 -7.59 6.50
CA MET B 222 -0.32 -7.18 7.62
C MET B 222 -1.81 -7.35 7.31
N GLN B 223 -2.23 -6.90 6.13
CA GLN B 223 -3.61 -7.03 5.71
C GLN B 223 -3.99 -8.50 5.54
N GLU B 224 -3.07 -9.28 4.98
CA GLU B 224 -3.29 -10.70 4.80
C GLU B 224 -3.40 -11.41 6.17
N LYS B 225 -2.65 -10.91 7.15
CA LYS B 225 -2.73 -11.47 8.50
C LYS B 225 -4.06 -11.16 9.17
N TRP B 226 -4.47 -9.90 9.12
CA TRP B 226 -5.62 -9.45 9.92
C TRP B 226 -6.98 -9.48 9.21
N PHE B 227 -6.99 -9.42 7.89
CA PHE B 227 -8.27 -9.29 7.18
C PHE B 227 -8.72 -10.53 6.40
N THR B 228 -7.84 -11.52 6.26
CA THR B 228 -8.24 -12.77 5.60
C THR B 228 -8.70 -13.82 6.62
#